data_5NEI
#
_entry.id   5NEI
#
_cell.length_a   33.350
_cell.length_b   91.360
_cell.length_c   35.940
_cell.angle_alpha   90.00
_cell.angle_beta   99.71
_cell.angle_gamma   90.00
#
_symmetry.space_group_name_H-M   'P 1 21 1'
#
loop_
_entity.id
_entity.type
_entity.pdbx_description
1 polymer 'Serine/threonine-protein kinase PLK1'
2 non-polymer '2-[[3-[[5-(3-iodanylphenyl)carbonylthiophen-2-yl]carbonylamino]phenyl]methyl]propanedioic acid'
3 water water
#
_entity_poly.entity_id   1
_entity_poly.type   'polypeptide(L)'
_entity_poly.pdbx_seq_one_letter_code
;GAHMDCHLSDMLQQLHSVNASKPSERGLVRQEEAEDPACIPIFWVSKWVDYSDKYGLGYQLCDNSVGVLFNDSTRLILYN
DGDSLQYIERDGTESYLTVSSHPNSLMKKITLLKYFRNYMSEHLLKAGANITPREGDELARLPYLRTWFRTRSAIILHLS
NGSVQINFFQDHTKLILCPLMAAVTYIDEKRDFRTYRLSLLEEYGCCKELASRLRYARTMVDKLLSSRSASNRLKAS
;
_entity_poly.pdbx_strand_id   A
#
# COMPACT_ATOMS: atom_id res chain seq x y z
N ASP A 5 -16.60 -1.76 -4.00
CA ASP A 5 -15.65 -2.31 -4.96
C ASP A 5 -14.57 -1.32 -5.36
N CYS A 6 -13.34 -1.56 -4.92
CA CYS A 6 -12.20 -0.87 -5.49
C CYS A 6 -11.76 -1.69 -6.68
N HIS A 7 -10.75 -1.24 -7.41
CA HIS A 7 -10.40 -1.87 -8.68
C HIS A 7 -9.58 -3.13 -8.45
N LEU A 8 -10.03 -3.96 -7.52
CA LEU A 8 -9.41 -5.26 -7.29
C LEU A 8 -9.83 -6.18 -8.42
N SER A 9 -11.12 -6.18 -8.70
CA SER A 9 -11.63 -6.79 -9.91
C SER A 9 -11.04 -5.96 -11.03
N ASP A 10 -10.16 -6.60 -11.81
CA ASP A 10 -9.31 -6.02 -12.88
C ASP A 10 -7.87 -5.79 -12.43
N MET A 11 -7.66 -5.68 -11.13
CA MET A 11 -6.31 -5.82 -10.63
C MET A 11 -5.98 -7.29 -10.82
N LEU A 12 -6.98 -8.12 -10.58
CA LEU A 12 -6.86 -9.55 -10.71
C LEU A 12 -6.68 -9.95 -12.17
N GLN A 13 -7.27 -9.19 -13.08
CA GLN A 13 -7.14 -9.49 -14.50
C GLN A 13 -5.71 -9.22 -14.96
N GLN A 14 -5.16 -8.11 -14.49
CA GLN A 14 -3.80 -7.71 -14.85
C GLN A 14 -2.76 -8.70 -14.38
N LEU A 15 -2.97 -9.21 -13.17
CA LEU A 15 -2.06 -10.18 -12.59
C LEU A 15 -2.23 -11.56 -13.21
N HIS A 16 -3.48 -11.98 -13.42
CA HIS A 16 -3.72 -13.28 -14.05
C HIS A 16 -3.09 -13.33 -15.44
N SER A 17 -3.15 -12.21 -16.16
CA SER A 17 -2.55 -12.15 -17.49
CA SER A 17 -2.55 -12.13 -17.49
C SER A 17 -1.03 -12.21 -17.43
N VAL A 18 -0.44 -11.52 -16.45
CA VAL A 18 1.01 -11.49 -16.32
C VAL A 18 1.57 -12.85 -15.91
N ASN A 19 0.86 -13.56 -15.04
CA ASN A 19 1.33 -14.83 -14.54
C ASN A 19 1.05 -15.95 -15.53
N ALA A 20 -0.11 -15.89 -16.18
CA ALA A 20 -0.49 -16.89 -17.17
C ALA A 20 0.53 -16.92 -18.30
N SER A 21 1.25 -15.82 -18.47
CA SER A 21 2.22 -15.70 -19.55
C SER A 21 3.57 -16.29 -19.18
N LYS A 22 3.88 -16.34 -17.88
CA LYS A 22 5.13 -16.90 -17.37
C LYS A 22 6.36 -16.11 -17.80
N PRO A 23 6.52 -14.89 -17.24
CA PRO A 23 7.55 -13.94 -17.65
C PRO A 23 8.92 -14.38 -17.15
N SER A 24 8.93 -15.42 -16.32
CA SER A 24 10.16 -15.97 -15.78
C SER A 24 10.86 -16.88 -16.79
N GLU A 25 10.09 -17.78 -17.39
CA GLU A 25 10.64 -18.70 -18.38
C GLU A 25 10.43 -18.12 -19.77
N ARG A 26 11.38 -17.32 -20.19
CA ARG A 26 11.27 -16.60 -21.43
C ARG A 26 12.65 -16.49 -22.07
N GLY A 27 12.69 -16.78 -23.37
CA GLY A 27 13.92 -16.85 -24.13
C GLY A 27 14.92 -15.76 -23.84
N LEU A 28 14.53 -14.56 -24.23
CA LEU A 28 15.37 -13.41 -24.00
C LEU A 28 14.61 -12.53 -23.05
N VAL A 29 15.22 -12.24 -21.91
CA VAL A 29 14.57 -11.41 -20.92
C VAL A 29 15.24 -10.04 -20.85
N ARG A 30 14.44 -9.01 -21.06
CA ARG A 30 14.89 -7.63 -20.94
C ARG A 30 13.93 -6.88 -20.06
N GLN A 31 14.02 -7.15 -18.75
CA GLN A 31 13.12 -6.59 -17.77
C GLN A 31 13.11 -5.07 -17.82
N GLU A 32 14.26 -4.52 -18.17
CA GLU A 32 14.48 -3.08 -18.16
C GLU A 32 13.58 -2.38 -19.18
N GLU A 33 13.23 -3.10 -20.24
CA GLU A 33 12.38 -2.54 -21.29
C GLU A 33 10.92 -2.47 -20.84
N ALA A 34 10.61 -3.11 -19.71
CA ALA A 34 9.27 -3.11 -19.19
C ALA A 34 9.01 -1.94 -18.24
N GLU A 35 10.06 -1.17 -17.95
CA GLU A 35 9.94 -0.02 -17.07
C GLU A 35 9.21 1.12 -17.76
N ASP A 36 8.53 1.94 -16.96
CA ASP A 36 7.79 3.09 -17.47
C ASP A 36 7.59 4.11 -16.37
N PRO A 37 8.37 5.20 -16.41
CA PRO A 37 8.33 6.26 -15.38
C PRO A 37 7.04 7.07 -15.35
N ALA A 38 6.16 6.84 -16.31
CA ALA A 38 4.88 7.56 -16.34
C ALA A 38 3.87 6.89 -15.40
N CYS A 39 4.29 5.78 -14.80
CA CYS A 39 3.39 5.00 -13.96
C CYS A 39 3.81 5.02 -12.50
N ILE A 40 4.88 5.77 -12.23
CA ILE A 40 5.40 5.95 -10.88
C ILE A 40 4.28 6.34 -9.94
N PRO A 41 4.15 5.62 -8.81
CA PRO A 41 3.08 5.86 -7.84
C PRO A 41 3.27 7.17 -7.08
N ILE A 42 2.16 7.84 -6.81
CA ILE A 42 2.20 9.07 -6.03
C ILE A 42 2.17 8.73 -4.54
N PHE A 43 1.35 7.74 -4.18
CA PHE A 43 1.18 7.38 -2.79
C PHE A 43 1.54 5.93 -2.52
N TRP A 44 2.21 5.70 -1.39
CA TRP A 44 2.43 4.36 -0.88
C TRP A 44 2.65 4.43 0.64
N VAL A 45 2.63 3.28 1.30
CA VAL A 45 2.82 3.24 2.75
C VAL A 45 4.30 3.14 3.09
N SER A 46 4.79 4.13 3.86
CA SER A 46 6.20 4.21 4.21
CA SER A 46 6.21 4.18 4.18
C SER A 46 6.52 3.55 5.54
N LYS A 47 5.55 3.60 6.46
CA LYS A 47 5.71 3.00 7.77
C LYS A 47 4.37 2.46 8.22
N TRP A 48 4.39 1.44 9.06
CA TRP A 48 3.15 0.90 9.61
C TRP A 48 3.40 0.28 10.98
N VAL A 49 2.36 0.27 11.80
CA VAL A 49 2.43 -0.30 13.13
C VAL A 49 1.18 -1.10 13.39
N ASP A 50 1.35 -2.38 13.67
CA ASP A 50 0.21 -3.23 13.95
C ASP A 50 -0.06 -3.24 15.45
N TYR A 51 -1.28 -2.89 15.81
CA TYR A 51 -1.70 -2.86 17.19
C TYR A 51 -3.17 -3.24 17.23
N SER A 52 -3.51 -4.20 16.38
CA SER A 52 -4.90 -4.64 16.20
C SER A 52 -5.44 -5.27 17.47
N ASP A 53 -4.54 -5.89 18.24
CA ASP A 53 -4.91 -6.55 19.49
C ASP A 53 -5.61 -5.58 20.45
N LYS A 54 -5.49 -4.28 20.16
CA LYS A 54 -6.08 -3.24 20.98
C LYS A 54 -6.77 -2.16 20.15
N TYR A 55 -5.97 -1.43 19.39
CA TYR A 55 -6.48 -0.23 18.75
C TYR A 55 -6.74 -0.40 17.26
N GLY A 56 -5.74 -0.87 16.53
CA GLY A 56 -5.86 -1.02 15.09
C GLY A 56 -4.53 -0.81 14.40
N LEU A 57 -4.57 -0.36 13.15
CA LEU A 57 -3.34 -0.20 12.38
C LEU A 57 -2.99 1.26 12.14
N GLY A 58 -1.77 1.63 12.49
CA GLY A 58 -1.26 2.95 12.18
C GLY A 58 -0.30 2.83 11.03
N TYR A 59 -0.25 3.85 10.19
CA TYR A 59 0.63 3.86 9.03
C TYR A 59 1.06 5.28 8.69
N GLN A 60 2.11 5.39 7.89
CA GLN A 60 2.53 6.68 7.41
C GLN A 60 2.63 6.62 5.91
N LEU A 61 2.07 7.63 5.23
CA LEU A 61 2.15 7.70 3.78
C LEU A 61 3.44 8.41 3.37
N CYS A 62 3.88 8.18 2.13
CA CYS A 62 5.14 8.73 1.67
C CYS A 62 5.14 10.27 1.68
N ASP A 63 3.95 10.84 1.81
CA ASP A 63 3.81 12.29 1.82
C ASP A 63 3.94 12.80 3.25
N ASN A 64 4.35 11.91 4.14
CA ASN A 64 4.47 12.20 5.57
C ASN A 64 3.14 12.34 6.31
N SER A 65 2.04 11.99 5.67
CA SER A 65 0.77 12.01 6.39
C SER A 65 0.61 10.70 7.13
N VAL A 66 -0.18 10.74 8.20
CA VAL A 66 -0.39 9.58 9.04
C VAL A 66 -1.88 9.25 9.12
N GLY A 67 -2.20 7.96 9.03
CA GLY A 67 -3.57 7.52 9.21
C GLY A 67 -3.63 6.40 10.22
N VAL A 68 -4.83 6.08 10.67
CA VAL A 68 -5.04 4.94 11.54
C VAL A 68 -6.34 4.25 11.15
N LEU A 69 -6.29 2.94 10.92
CA LEU A 69 -7.51 2.18 10.69
C LEU A 69 -7.89 1.44 11.97
N PHE A 70 -8.89 1.96 12.67
CA PHE A 70 -9.29 1.42 13.97
C PHE A 70 -10.07 0.12 13.86
N ASN A 71 -10.16 -0.60 14.97
CA ASN A 71 -10.88 -1.86 15.01
C ASN A 71 -12.38 -1.69 14.73
N ASP A 72 -12.87 -0.47 14.92
CA ASP A 72 -14.26 -0.19 14.62
C ASP A 72 -14.46 0.13 13.13
N SER A 73 -13.37 0.06 12.37
CA SER A 73 -13.37 0.28 10.92
C SER A 73 -13.62 1.73 10.53
N THR A 74 -13.25 2.65 11.41
CA THR A 74 -13.20 4.06 11.08
C THR A 74 -11.73 4.42 10.88
N ARG A 75 -11.48 5.41 10.03
CA ARG A 75 -10.12 5.82 9.75
C ARG A 75 -9.93 7.28 10.09
N LEU A 76 -8.94 7.59 10.91
CA LEU A 76 -8.58 8.97 11.14
C LEU A 76 -7.28 9.26 10.41
N ILE A 77 -7.21 10.42 9.78
CA ILE A 77 -6.04 10.81 9.03
C ILE A 77 -5.57 12.21 9.39
N LEU A 78 -4.28 12.31 9.71
CA LEU A 78 -3.65 13.60 9.98
C LEU A 78 -2.84 13.98 8.75
N TYR A 79 -3.04 15.19 8.25
CA TYR A 79 -2.36 15.64 7.04
C TYR A 79 -0.92 16.07 7.31
N ASN A 80 -0.19 16.51 6.27
CA ASN A 80 1.24 16.81 6.45
C ASN A 80 1.58 18.06 7.25
N ASP A 81 0.59 18.90 7.50
CA ASP A 81 0.79 20.14 8.25
C ASP A 81 0.70 19.87 9.76
N GLY A 82 0.16 18.71 10.12
CA GLY A 82 0.01 18.35 11.51
C GLY A 82 -1.10 19.11 12.20
N ASP A 83 -2.25 19.19 11.54
CA ASP A 83 -3.40 19.90 12.08
C ASP A 83 -4.69 19.44 11.41
N SER A 84 -4.68 19.38 10.08
CA SER A 84 -5.84 18.97 9.32
C SER A 84 -6.18 17.51 9.57
N LEU A 85 -7.44 17.24 9.89
CA LEU A 85 -7.88 15.87 10.10
C LEU A 85 -8.96 15.53 9.11
N GLN A 86 -8.90 14.32 8.58
CA GLN A 86 -9.99 13.77 7.82
C GLN A 86 -10.47 12.50 8.51
N TYR A 87 -11.77 12.38 8.71
CA TYR A 87 -12.33 11.23 9.40
C TYR A 87 -13.30 10.48 8.49
N ILE A 88 -13.08 9.18 8.34
CA ILE A 88 -13.94 8.36 7.51
C ILE A 88 -14.69 7.33 8.35
N GLU A 89 -16.01 7.33 8.24
CA GLU A 89 -16.85 6.39 8.97
C GLU A 89 -16.79 5.01 8.35
N ARG A 90 -17.47 4.05 9.00
CA ARG A 90 -17.68 2.72 8.43
C ARG A 90 -18.30 2.90 7.05
N ASP A 91 -19.39 3.66 7.05
CA ASP A 91 -20.19 3.95 5.86
C ASP A 91 -19.36 4.58 4.73
N GLY A 92 -18.17 5.05 5.05
CA GLY A 92 -17.30 5.65 4.06
C GLY A 92 -17.54 7.13 3.92
N THR A 93 -18.47 7.67 4.71
CA THR A 93 -18.74 9.11 4.77
C THR A 93 -17.57 9.87 5.36
N GLU A 94 -17.23 10.99 4.76
CA GLU A 94 -16.11 11.79 5.23
C GLU A 94 -16.54 13.10 5.87
N SER A 95 -15.72 13.57 6.80
CA SER A 95 -15.86 14.90 7.38
C SER A 95 -14.47 15.39 7.72
N TYR A 96 -14.30 16.70 7.82
CA TYR A 96 -12.97 17.26 8.04
C TYR A 96 -12.87 18.06 9.33
N LEU A 97 -11.70 18.04 9.95
CA LEU A 97 -11.49 18.68 11.24
C LEU A 97 -10.07 19.21 11.34
N THR A 98 -9.80 19.87 12.46
CA THR A 98 -8.45 20.22 12.85
C THR A 98 -8.28 19.80 14.30
N VAL A 99 -7.07 19.37 14.66
CA VAL A 99 -6.74 19.03 16.03
C VAL A 99 -6.91 20.25 16.90
N SER A 100 -6.38 21.36 16.40
CA SER A 100 -6.36 22.62 17.13
C SER A 100 -7.75 23.04 17.61
N SER A 101 -8.78 22.69 16.84
CA SER A 101 -10.15 23.01 17.24
C SER A 101 -10.59 22.17 18.44
N HIS A 102 -9.77 21.19 18.79
CA HIS A 102 -10.02 20.30 19.94
C HIS A 102 -11.45 19.80 20.01
N PRO A 103 -11.82 18.93 19.05
CA PRO A 103 -13.17 18.39 19.03
C PRO A 103 -13.36 17.35 20.13
N ASN A 104 -14.35 17.55 20.97
CA ASN A 104 -14.68 16.60 22.02
C ASN A 104 -14.80 15.19 21.46
N SER A 105 -15.54 15.07 20.36
CA SER A 105 -15.81 13.77 19.72
C SER A 105 -14.56 12.92 19.55
N LEU A 106 -13.62 13.44 18.78
CA LEU A 106 -12.48 12.63 18.34
C LEU A 106 -11.28 12.66 19.26
N MET A 107 -11.42 13.35 20.39
CA MET A 107 -10.32 13.51 21.36
C MET A 107 -9.59 12.22 21.67
N LYS A 108 -10.34 11.15 21.91
CA LYS A 108 -9.73 9.85 22.22
C LYS A 108 -8.97 9.28 21.02
N LYS A 109 -9.53 9.45 19.83
CA LYS A 109 -8.94 8.90 18.62
C LYS A 109 -7.76 9.73 18.11
N ILE A 110 -7.85 11.05 18.30
CA ILE A 110 -6.76 11.94 17.93
C ILE A 110 -5.53 11.60 18.74
N THR A 111 -5.75 11.33 20.02
CA THR A 111 -4.70 11.02 20.96
C THR A 111 -3.96 9.73 20.57
N LEU A 112 -4.74 8.70 20.25
CA LEU A 112 -4.18 7.42 19.83
C LEU A 112 -3.35 7.59 18.57
N LEU A 113 -3.84 8.40 17.65
CA LEU A 113 -3.14 8.66 16.39
C LEU A 113 -1.79 9.26 16.71
N LYS A 114 -1.78 10.30 17.55
CA LYS A 114 -0.55 10.99 17.91
CA LYS A 114 -0.56 10.98 17.91
C LYS A 114 0.49 10.02 18.47
N TYR A 115 0.00 8.98 19.11
CA TYR A 115 0.86 7.97 19.68
C TYR A 115 1.56 7.15 18.60
N PHE A 116 0.78 6.72 17.61
CA PHE A 116 1.33 6.05 16.44
C PHE A 116 2.33 6.96 15.74
N ARG A 117 1.95 8.23 15.61
CA ARG A 117 2.78 9.22 14.96
C ARG A 117 4.18 9.22 15.56
N ASN A 118 4.24 9.33 16.88
CA ASN A 118 5.52 9.41 17.58
C ASN A 118 6.36 8.15 17.44
N TYR A 119 5.72 7.00 17.67
CA TYR A 119 6.40 5.71 17.53
C TYR A 119 7.05 5.61 16.16
N MET A 120 6.31 5.95 15.14
CA MET A 120 6.77 5.82 13.76
C MET A 120 7.97 6.71 13.48
N SER A 121 7.96 7.91 14.04
CA SER A 121 9.05 8.86 13.82
C SER A 121 10.32 8.46 14.59
N GLU A 122 10.11 7.85 15.75
CA GLU A 122 11.23 7.47 16.62
C GLU A 122 11.84 6.09 16.30
N HIS A 123 11.00 5.11 15.96
CA HIS A 123 11.46 3.73 15.85
C HIS A 123 11.44 3.11 14.44
N LEU A 124 10.87 3.80 13.48
CA LEU A 124 10.75 3.22 12.15
C LEU A 124 11.37 4.13 11.11
N LEU A 125 11.81 3.53 10.02
CA LEU A 125 12.48 4.29 8.97
C LEU A 125 11.68 4.28 7.69
N LYS A 126 11.93 5.27 6.84
CA LYS A 126 11.11 5.51 5.67
C LYS A 126 11.39 4.51 4.54
N ALA A 127 10.38 3.70 4.23
CA ALA A 127 10.46 2.80 3.09
C ALA A 127 10.34 3.62 1.80
N GLY A 128 11.33 3.51 0.93
CA GLY A 128 11.34 4.26 -0.32
C GLY A 128 11.40 5.76 -0.11
N ALA A 129 12.41 6.22 0.64
CA ALA A 129 12.53 7.63 0.99
C ALA A 129 13.12 8.43 -0.15
N ASN A 130 14.13 7.86 -0.81
CA ASN A 130 14.89 8.55 -1.82
C ASN A 130 14.05 9.12 -2.97
N ILE A 131 12.82 8.65 -3.09
CA ILE A 131 12.00 8.90 -4.27
C ILE A 131 11.15 10.17 -4.14
N THR A 132 11.09 10.94 -5.23
CA THR A 132 10.46 12.28 -5.30
C THR A 132 9.19 12.46 -4.45
N ARG A 141 -6.53 13.70 -4.40
CA ARG A 141 -7.03 13.43 -3.06
C ARG A 141 -6.19 12.37 -2.36
N LEU A 142 -5.97 12.58 -1.06
CA LEU A 142 -5.21 11.66 -0.23
C LEU A 142 -6.04 10.43 0.11
N PRO A 143 -5.50 9.23 -0.18
CA PRO A 143 -6.21 7.97 0.04
C PRO A 143 -6.13 7.51 1.49
N TYR A 144 -6.91 6.49 1.83
CA TYR A 144 -6.84 5.93 3.17
C TYR A 144 -6.69 4.42 3.07
N LEU A 145 -6.50 3.77 4.21
CA LEU A 145 -6.34 2.33 4.20
C LEU A 145 -7.70 1.68 4.26
N ARG A 146 -8.15 1.14 3.13
CA ARG A 146 -9.48 0.55 3.04
C ARG A 146 -9.57 -0.73 3.86
N THR A 147 -8.63 -1.63 3.64
CA THR A 147 -8.56 -2.87 4.41
C THR A 147 -7.13 -3.38 4.44
N TRP A 148 -6.85 -4.30 5.36
CA TRP A 148 -5.50 -4.84 5.46
C TRP A 148 -5.51 -6.20 6.15
N PHE A 149 -4.50 -7.00 5.88
CA PHE A 149 -4.26 -8.21 6.65
C PHE A 149 -2.80 -8.60 6.50
N ARG A 150 -2.31 -9.46 7.38
CA ARG A 150 -0.94 -9.96 7.24
C ARG A 150 -0.91 -11.48 7.21
N THR A 151 -0.02 -12.00 6.36
CA THR A 151 0.31 -13.41 6.40
C THR A 151 1.54 -13.55 7.26
N ARG A 152 2.15 -14.73 7.23
CA ARG A 152 3.35 -14.97 8.01
C ARG A 152 4.54 -14.44 7.23
N SER A 153 4.30 -14.11 5.97
CA SER A 153 5.37 -13.70 5.06
CA SER A 153 5.37 -13.71 5.08
C SER A 153 5.25 -12.25 4.67
N ALA A 154 4.03 -11.71 4.77
CA ALA A 154 3.80 -10.35 4.29
C ALA A 154 2.67 -9.64 5.00
N ILE A 155 2.59 -8.33 4.76
CA ILE A 155 1.41 -7.56 5.14
C ILE A 155 0.83 -6.90 3.89
N ILE A 156 -0.49 -6.96 3.77
CA ILE A 156 -1.16 -6.55 2.55
C ILE A 156 -1.97 -5.29 2.78
N LEU A 157 -1.63 -4.22 2.05
CA LEU A 157 -2.24 -2.93 2.27
C LEU A 157 -3.09 -2.49 1.09
N HIS A 158 -4.37 -2.26 1.34
CA HIS A 158 -5.33 -1.90 0.31
C HIS A 158 -5.78 -0.46 0.52
N LEU A 159 -5.24 0.45 -0.28
CA LEU A 159 -5.59 1.86 -0.18
C LEU A 159 -6.84 2.19 -0.98
N SER A 160 -7.48 3.29 -0.60
CA SER A 160 -8.77 3.68 -1.18
C SER A 160 -8.67 4.19 -2.61
N ASN A 161 -7.46 4.40 -3.10
CA ASN A 161 -7.27 4.85 -4.47
C ASN A 161 -7.14 3.65 -5.41
N GLY A 162 -7.31 2.46 -4.86
CA GLY A 162 -7.27 1.25 -5.65
C GLY A 162 -5.94 0.51 -5.58
N SER A 163 -4.90 1.19 -5.15
CA SER A 163 -3.57 0.58 -5.06
CA SER A 163 -3.57 0.57 -5.07
C SER A 163 -3.51 -0.44 -3.92
N VAL A 164 -2.78 -1.53 -4.16
CA VAL A 164 -2.58 -2.53 -3.13
C VAL A 164 -1.10 -2.73 -2.92
N GLN A 165 -0.66 -2.60 -1.69
CA GLN A 165 0.74 -2.74 -1.39
C GLN A 165 1.03 -4.03 -0.63
N ILE A 166 2.10 -4.71 -1.01
CA ILE A 166 2.48 -5.90 -0.28
C ILE A 166 3.90 -5.74 0.22
N ASN A 167 4.09 -5.95 1.51
CA ASN A 167 5.40 -5.85 2.14
C ASN A 167 5.86 -7.19 2.67
N PHE A 168 6.96 -7.72 2.12
CA PHE A 168 7.49 -9.01 2.56
C PHE A 168 8.46 -8.87 3.73
N PHE A 169 8.11 -9.50 4.86
CA PHE A 169 8.82 -9.31 6.12
C PHE A 169 10.28 -9.73 6.07
N GLN A 170 10.54 -10.90 5.50
CA GLN A 170 11.86 -11.52 5.55
C GLN A 170 12.96 -10.66 4.95
N ASP A 171 12.70 -10.08 3.78
CA ASP A 171 13.74 -9.37 3.05
C ASP A 171 13.41 -7.93 2.69
N HIS A 172 12.29 -7.43 3.20
CA HIS A 172 11.90 -6.02 3.01
C HIS A 172 11.68 -5.64 1.55
N THR A 173 11.19 -6.60 0.77
CA THR A 173 10.83 -6.34 -0.60
C THR A 173 9.38 -5.89 -0.62
N LYS A 174 9.08 -4.86 -1.40
CA LYS A 174 7.72 -4.34 -1.43
C LYS A 174 7.16 -4.29 -2.86
N LEU A 175 5.85 -4.51 -2.94
CA LEU A 175 5.13 -4.34 -4.20
C LEU A 175 4.09 -3.27 -4.04
N ILE A 176 4.04 -2.36 -5.00
CA ILE A 176 2.92 -1.43 -5.10
C ILE A 176 2.24 -1.69 -6.44
N LEU A 177 1.01 -2.18 -6.38
CA LEU A 177 0.25 -2.45 -7.60
C LEU A 177 -0.73 -1.32 -7.86
N CYS A 178 -0.65 -0.74 -9.06
CA CYS A 178 -1.52 0.36 -9.42
C CYS A 178 -2.44 -0.04 -10.56
N PRO A 179 -3.68 -0.42 -10.24
CA PRO A 179 -4.66 -0.94 -11.20
C PRO A 179 -4.98 0.03 -12.34
N LEU A 180 -4.87 1.32 -12.07
CA LEU A 180 -5.29 2.33 -13.03
C LEU A 180 -4.38 2.38 -14.25
N MET A 181 -3.09 2.56 -14.00
CA MET A 181 -2.12 2.61 -15.08
C MET A 181 -1.68 1.21 -15.45
N ALA A 182 -2.34 0.21 -14.87
CA ALA A 182 -1.99 -1.19 -15.11
C ALA A 182 -0.54 -1.42 -14.73
N ALA A 183 -0.14 -0.94 -13.57
CA ALA A 183 1.30 -0.94 -13.27
C ALA A 183 1.67 -1.63 -11.98
N VAL A 184 2.96 -1.83 -11.81
CA VAL A 184 3.51 -2.36 -10.59
C VAL A 184 4.84 -1.69 -10.33
N THR A 185 5.08 -1.32 -9.08
CA THR A 185 6.37 -0.82 -8.67
C THR A 185 6.97 -1.81 -7.70
N TYR A 186 8.20 -2.24 -7.98
CA TYR A 186 8.87 -3.21 -7.12
C TYR A 186 10.06 -2.60 -6.42
N ILE A 187 10.10 -2.74 -5.10
CA ILE A 187 11.24 -2.31 -4.33
C ILE A 187 12.00 -3.55 -3.87
N ASP A 188 13.18 -3.77 -4.43
CA ASP A 188 13.96 -4.97 -4.10
C ASP A 188 14.74 -4.82 -2.80
N GLU A 189 15.56 -5.82 -2.48
CA GLU A 189 16.36 -5.83 -1.27
C GLU A 189 17.35 -4.66 -1.22
N LYS A 190 17.93 -4.31 -2.37
CA LYS A 190 18.86 -3.19 -2.45
C LYS A 190 18.12 -1.84 -2.41
N ARG A 191 16.82 -1.91 -2.16
CA ARG A 191 15.95 -0.73 -2.05
C ARG A 191 15.82 0.07 -3.35
N ASP A 192 15.91 -0.63 -4.49
CA ASP A 192 15.73 0.01 -5.79
C ASP A 192 14.25 0.14 -6.17
N PHE A 193 13.85 1.36 -6.50
CA PHE A 193 12.46 1.69 -6.76
C PHE A 193 12.16 1.64 -8.27
N ARG A 194 11.85 0.46 -8.77
CA ARG A 194 11.62 0.31 -10.21
C ARG A 194 10.15 0.09 -10.55
N THR A 195 9.64 0.89 -11.48
CA THR A 195 8.23 0.86 -11.86
C THR A 195 8.04 0.24 -13.23
N TYR A 196 7.09 -0.69 -13.34
CA TYR A 196 6.87 -1.38 -14.60
C TYR A 196 5.41 -1.35 -15.05
N ARG A 197 5.20 -1.41 -16.36
CA ARG A 197 3.89 -1.68 -16.91
C ARG A 197 3.68 -3.19 -16.94
N LEU A 198 2.62 -3.65 -16.28
CA LEU A 198 2.34 -5.08 -16.15
C LEU A 198 2.28 -5.79 -17.51
N SER A 199 1.77 -5.09 -18.52
CA SER A 199 1.64 -5.66 -19.86
C SER A 199 3.00 -5.84 -20.51
N LEU A 200 3.89 -4.87 -20.30
CA LEU A 200 5.24 -4.92 -20.84
C LEU A 200 6.06 -6.02 -20.17
N LEU A 201 5.68 -6.38 -18.96
CA LEU A 201 6.35 -7.46 -18.23
C LEU A 201 6.05 -8.80 -18.92
N GLU A 202 4.84 -8.92 -19.45
CA GLU A 202 4.44 -10.12 -20.16
C GLU A 202 5.32 -10.28 -21.39
N GLU A 203 5.48 -9.19 -22.11
CA GLU A 203 6.24 -9.17 -23.34
C GLU A 203 7.72 -9.48 -23.08
N TYR A 204 8.35 -8.62 -22.28
CA TYR A 204 9.80 -8.68 -22.08
C TYR A 204 10.26 -9.66 -21.00
N GLY A 205 9.33 -10.14 -20.20
CA GLY A 205 9.66 -11.06 -19.12
C GLY A 205 10.30 -10.37 -17.93
N CYS A 206 10.57 -11.13 -16.88
CA CYS A 206 11.23 -10.60 -15.69
C CYS A 206 12.02 -11.70 -14.99
N CYS A 207 12.61 -11.38 -13.84
CA CYS A 207 13.40 -12.35 -13.09
C CYS A 207 12.49 -13.24 -12.26
N LYS A 208 13.00 -14.42 -11.90
CA LYS A 208 12.24 -15.41 -11.15
C LYS A 208 11.70 -14.85 -9.84
N GLU A 209 12.49 -13.98 -9.22
CA GLU A 209 12.09 -13.33 -7.97
C GLU A 209 10.78 -12.54 -8.11
N LEU A 210 10.79 -11.56 -9.00
CA LEU A 210 9.63 -10.70 -9.19
C LEU A 210 8.43 -11.52 -9.66
N ALA A 211 8.68 -12.47 -10.57
CA ALA A 211 7.60 -13.25 -11.16
C ALA A 211 6.90 -14.13 -10.13
N SER A 212 7.58 -14.42 -9.03
CA SER A 212 6.99 -15.25 -7.98
C SER A 212 6.14 -14.41 -7.03
N ARG A 213 6.49 -13.13 -6.88
CA ARG A 213 5.75 -12.24 -5.98
C ARG A 213 4.51 -11.69 -6.67
N LEU A 214 4.55 -11.63 -7.99
CA LEU A 214 3.36 -11.30 -8.75
C LEU A 214 2.35 -12.43 -8.58
N ARG A 215 2.86 -13.66 -8.51
CA ARG A 215 2.02 -14.83 -8.22
C ARG A 215 1.40 -14.71 -6.84
N TYR A 216 2.23 -14.37 -5.87
CA TYR A 216 1.79 -14.21 -4.49
C TYR A 216 0.78 -13.07 -4.42
N ALA A 217 1.03 -12.03 -5.19
CA ALA A 217 0.12 -10.88 -5.25
C ALA A 217 -1.29 -11.33 -5.64
N ARG A 218 -1.38 -12.08 -6.73
CA ARG A 218 -2.66 -12.60 -7.21
C ARG A 218 -3.41 -13.39 -6.13
N THR A 219 -2.71 -14.28 -5.44
CA THR A 219 -3.30 -15.03 -4.35
C THR A 219 -3.83 -14.08 -3.27
N MET A 220 -3.05 -13.05 -2.97
CA MET A 220 -3.45 -12.06 -1.96
C MET A 220 -4.62 -11.22 -2.40
N VAL A 221 -4.56 -10.72 -3.63
CA VAL A 221 -5.65 -9.93 -4.20
C VAL A 221 -6.95 -10.75 -4.26
N ASP A 222 -6.82 -12.03 -4.55
CA ASP A 222 -7.95 -12.94 -4.54
C ASP A 222 -8.51 -13.07 -3.12
N LYS A 223 -7.60 -13.03 -2.15
CA LYS A 223 -7.97 -13.13 -0.75
C LYS A 223 -8.67 -11.85 -0.28
N LEU A 224 -8.37 -10.73 -0.95
CA LEU A 224 -9.05 -9.47 -0.65
C LEU A 224 -10.48 -9.52 -1.17
N LEU A 225 -10.66 -10.24 -2.28
CA LEU A 225 -11.94 -10.29 -2.95
C LEU A 225 -12.97 -11.15 -2.21
N SER A 226 -12.50 -12.21 -1.57
CA SER A 226 -13.40 -13.13 -0.90
C SER A 226 -13.62 -12.74 0.56
N SER A 227 -13.19 -11.54 0.93
CA SER A 227 -13.31 -11.12 2.32
C SER A 227 -13.95 -9.76 2.45
N ARG A 228 -14.65 -9.33 1.40
CA ARG A 228 -15.49 -8.16 1.49
C ARG A 228 -16.63 -8.42 2.47
#